data_5CTM
#
_entry.id   5CTM
#
_cell.length_a   47.660
_cell.length_b   79.870
_cell.length_c   65.010
_cell.angle_alpha   90.000
_cell.angle_beta   92.290
_cell.angle_gamma   90.000
#
_symmetry.space_group_name_H-M   'P 1 21 1'
#
loop_
_entity.id
_entity.type
_entity.pdbx_description
1 polymer Beta-lactamase
2 non-polymer 'CITRATE ANION'
3 non-polymer 1,2-ETHANEDIOL
4 non-polymer DI(HYDROXYETHYL)ETHER
5 water water
#
_entity_poly.entity_id   1
_entity_poly.type   'polypeptide(L)'
_entity_poly.pdbx_seq_one_letter_code
;AIAWSVDEFFKNREGTFVIQEVKEKSPWVYNKKRAKERFAPQSTF(KCX)VANALIGLQTGAVRDEYDIKYWDGVKREID
NWNRDHTLGSGMRDSVVWYYQAMARDIGEERMNHWVKAIHYGNKDISGGIDQFWLSSTLRISPIEQVRFLKQLYEETLPF
DLKNMRTVKRMMVQEEEKHATLYGKTGSGSDIGWYVGFIKHEHKTYILATNIKGTGIEAKDITYRILKKYHLMEASV
;
_entity_poly.pdbx_strand_id   A,B
#
# COMPACT_ATOMS: atom_id res chain seq x y z
N ALA A 1 -0.93 15.56 -25.04
CA ALA A 1 -0.89 14.24 -25.65
C ALA A 1 0.55 13.85 -25.98
N ILE A 2 0.86 12.57 -25.91
CA ILE A 2 2.20 12.08 -26.19
C ILE A 2 2.24 11.37 -27.55
N ALA A 3 3.19 11.78 -28.38
CA ALA A 3 3.37 11.20 -29.71
C ALA A 3 4.22 9.95 -29.59
N TRP A 4 3.61 8.87 -29.09
CA TRP A 4 4.35 7.64 -28.86
C TRP A 4 5.03 7.08 -30.10
N SER A 5 6.25 6.63 -29.91
CA SER A 5 7.00 5.91 -30.93
C SER A 5 7.90 4.92 -30.18
N VAL A 6 7.74 3.63 -30.43
CA VAL A 6 8.41 2.62 -29.61
C VAL A 6 9.10 1.52 -30.41
N ASP A 7 9.23 1.69 -31.72
CA ASP A 7 9.81 0.66 -32.56
CA ASP A 7 9.82 0.64 -32.56
C ASP A 7 11.20 0.23 -32.08
N GLU A 8 11.97 1.18 -31.55
CA GLU A 8 13.34 0.90 -31.17
C GLU A 8 13.46 -0.02 -29.95
N PHE A 9 12.36 -0.23 -29.23
CA PHE A 9 12.35 -1.12 -28.08
C PHE A 9 11.94 -2.54 -28.44
N PHE A 10 11.55 -2.77 -29.69
CA PHE A 10 11.05 -4.05 -30.15
C PHE A 10 11.84 -4.55 -31.36
N LYS A 11 13.10 -4.13 -31.49
CA LYS A 11 13.90 -4.55 -32.64
CA LYS A 11 13.95 -4.55 -32.61
C LYS A 11 14.23 -6.04 -32.58
N ASN A 12 14.37 -6.57 -31.38
CA ASN A 12 14.80 -7.96 -31.22
C ASN A 12 13.76 -8.88 -30.65
N ARG A 13 12.56 -8.36 -30.43
CA ARG A 13 11.45 -9.13 -29.89
C ARG A 13 10.17 -8.85 -30.68
N GLU A 14 9.42 -9.88 -31.02
CA GLU A 14 8.03 -9.69 -31.43
CA GLU A 14 8.04 -9.67 -31.44
C GLU A 14 7.25 -9.23 -30.22
N GLY A 15 6.53 -8.13 -30.34
CA GLY A 15 5.77 -7.67 -29.20
C GLY A 15 4.81 -6.56 -29.54
N THR A 16 4.05 -6.18 -28.52
CA THR A 16 3.03 -5.15 -28.61
C THR A 16 3.07 -4.28 -27.36
N PHE A 17 2.65 -3.04 -27.51
CA PHE A 17 2.56 -2.07 -26.42
C PHE A 17 1.24 -1.35 -26.57
N VAL A 18 0.51 -1.26 -25.46
CA VAL A 18 -0.78 -0.58 -25.41
C VAL A 18 -0.69 0.43 -24.26
N ILE A 19 -1.00 1.70 -24.51
CA ILE A 19 -0.94 2.69 -23.44
C ILE A 19 -2.04 3.72 -23.64
N GLN A 20 -2.66 4.12 -22.52
CA GLN A 20 -3.81 5.01 -22.55
C GLN A 20 -3.82 5.93 -21.34
N GLU A 21 -3.79 7.25 -21.57
CA GLU A 21 -4.01 8.16 -20.46
C GLU A 21 -5.49 8.05 -20.12
N VAL A 22 -5.82 8.13 -18.83
CA VAL A 22 -7.17 7.77 -18.41
C VAL A 22 -8.28 8.65 -19.00
N LYS A 23 -7.96 9.87 -19.40
CA LYS A 23 -8.96 10.73 -20.03
C LYS A 23 -9.09 10.50 -21.54
N GLU A 24 -8.17 9.75 -22.13
CA GLU A 24 -8.22 9.47 -23.56
C GLU A 24 -9.32 8.45 -23.85
N LYS A 25 -9.98 8.60 -24.99
CA LYS A 25 -11.08 7.71 -25.32
C LYS A 25 -10.63 6.33 -25.77
N SER A 26 -9.42 6.23 -26.30
CA SER A 26 -8.90 4.95 -26.81
CA SER A 26 -8.91 4.94 -26.77
C SER A 26 -7.41 4.86 -26.52
N PRO A 27 -6.89 3.63 -26.43
CA PRO A 27 -5.44 3.50 -26.24
C PRO A 27 -4.66 3.74 -27.52
N TRP A 28 -3.38 4.07 -27.35
CA TRP A 28 -2.41 4.04 -28.43
C TRP A 28 -1.80 2.64 -28.46
N VAL A 29 -1.64 2.09 -29.65
CA VAL A 29 -1.24 0.70 -29.82
C VAL A 29 -0.11 0.57 -30.82
N TYR A 30 0.94 -0.15 -30.40
CA TYR A 30 1.99 -0.64 -31.27
C TYR A 30 1.74 -2.11 -31.50
N ASN A 31 1.65 -2.51 -32.77
CA ASN A 31 1.38 -3.89 -33.19
C ASN A 31 -0.04 -4.29 -32.82
N LYS A 32 -1.01 -3.77 -33.55
CA LYS A 32 -2.41 -3.98 -33.21
C LYS A 32 -2.84 -5.43 -33.40
N LYS A 33 -2.20 -6.17 -34.31
CA LYS A 33 -2.55 -7.56 -34.48
C LYS A 33 -2.28 -8.33 -33.18
N ARG A 34 -1.09 -8.18 -32.63
CA ARG A 34 -0.77 -8.90 -31.40
C ARG A 34 -1.55 -8.31 -30.21
N ALA A 35 -1.82 -7.01 -30.23
CA ALA A 35 -2.53 -6.39 -29.12
C ALA A 35 -3.92 -6.96 -28.90
N LYS A 36 -4.55 -7.46 -29.97
CA LYS A 36 -5.89 -8.03 -29.85
CA LYS A 36 -5.90 -8.03 -29.89
C LYS A 36 -5.90 -9.54 -29.68
N GLU A 37 -4.73 -10.17 -29.78
CA GLU A 37 -4.65 -11.62 -29.58
CA GLU A 37 -4.60 -11.60 -29.58
C GLU A 37 -4.59 -11.92 -28.09
N ARG A 38 -5.26 -12.99 -27.70
CA ARG A 38 -5.32 -13.37 -26.30
C ARG A 38 -4.21 -14.36 -25.95
N PHE A 39 -3.58 -14.16 -24.80
CA PHE A 39 -2.50 -15.00 -24.29
C PHE A 39 -2.78 -15.40 -22.85
N ALA A 40 -2.27 -16.55 -22.46
CA ALA A 40 -2.33 -16.93 -21.05
C ALA A 40 -1.78 -15.77 -20.21
N PRO A 41 -2.47 -15.40 -19.11
CA PRO A 41 -2.04 -14.22 -18.34
C PRO A 41 -0.83 -14.48 -17.46
N GLN A 42 -0.55 -15.75 -17.17
CA GLN A 42 0.53 -16.07 -16.28
C GLN A 42 0.31 -15.33 -14.96
N SER A 43 1.36 -14.91 -14.27
CA SER A 43 1.15 -14.29 -12.98
C SER A 43 0.53 -12.88 -13.05
N THR A 44 0.28 -12.32 -14.24
CA THR A 44 -0.53 -11.11 -14.25
C THR A 44 -1.93 -11.37 -13.70
N PHE A 45 -2.37 -12.62 -13.72
CA PHE A 45 -3.67 -12.95 -13.15
C PHE A 45 -3.72 -12.69 -11.65
N VAL A 47 -3.40 -10.07 -10.12
CA VAL A 47 -4.18 -8.86 -9.87
C VAL A 47 -5.66 -9.20 -9.67
N ALA A 48 -6.22 -9.94 -10.63
CA ALA A 48 -7.61 -10.36 -10.55
C ALA A 48 -7.84 -11.33 -9.40
N ASN A 49 -6.95 -12.30 -9.24
CA ASN A 49 -7.11 -13.31 -8.21
C ASN A 49 -7.14 -12.65 -6.83
N ALA A 50 -6.26 -11.69 -6.58
CA ALA A 50 -6.25 -11.00 -5.29
C ALA A 50 -7.57 -10.26 -5.05
N LEU A 51 -8.09 -9.57 -6.07
CA LEU A 51 -9.37 -8.89 -5.93
C LEU A 51 -10.45 -9.86 -5.54
N ILE A 52 -10.50 -11.00 -6.24
CA ILE A 52 -11.51 -12.01 -6.01
C ILE A 52 -11.35 -12.64 -4.61
N GLY A 53 -10.10 -12.95 -4.25
CA GLY A 53 -9.85 -13.54 -2.94
C GLY A 53 -10.28 -12.62 -1.80
N LEU A 54 -10.02 -11.34 -1.94
CA LEU A 54 -10.46 -10.38 -0.93
C LEU A 54 -11.99 -10.27 -0.93
N GLN A 55 -12.58 -10.16 -2.11
CA GLN A 55 -14.02 -9.94 -2.22
C GLN A 55 -14.81 -11.10 -1.63
N THR A 56 -14.33 -12.32 -1.86
CA THR A 56 -15.01 -13.52 -1.39
C THR A 56 -14.67 -13.85 0.06
N GLY A 57 -13.72 -13.15 0.64
CA GLY A 57 -13.28 -13.49 1.98
C GLY A 57 -12.37 -14.68 2.08
N ALA A 58 -11.89 -15.18 0.93
CA ALA A 58 -10.92 -16.27 0.95
C ALA A 58 -9.63 -15.86 1.65
N VAL A 59 -9.28 -14.59 1.55
CA VAL A 59 -8.17 -14.01 2.30
C VAL A 59 -8.67 -12.74 2.99
N ARG A 60 -8.01 -12.42 4.09
CA ARG A 60 -8.45 -11.35 4.96
C ARG A 60 -8.04 -9.96 4.51
N ASP A 61 -6.79 -9.85 4.09
CA ASP A 61 -6.16 -8.58 3.78
C ASP A 61 -4.81 -8.88 3.13
N GLU A 62 -4.05 -7.83 2.84
CA GLU A 62 -2.75 -7.97 2.19
C GLU A 62 -1.71 -8.66 3.08
N TYR A 63 -2.00 -8.78 4.36
CA TYR A 63 -1.11 -9.37 5.34
C TYR A 63 -1.57 -10.75 5.80
N ASP A 64 -2.39 -11.43 4.99
CA ASP A 64 -2.91 -12.73 5.36
C ASP A 64 -1.81 -13.77 5.13
N ILE A 65 -1.26 -14.28 6.23
CA ILE A 65 -0.15 -15.21 6.20
C ILE A 65 -0.62 -16.63 5.88
N LYS A 66 0.00 -17.22 4.86
CA LYS A 66 -0.12 -18.66 4.60
C LYS A 66 1.22 -19.30 4.89
N TYR A 67 1.16 -20.46 5.54
N TYR A 67 1.17 -20.50 5.45
CA TYR A 67 2.34 -21.18 5.94
CA TYR A 67 2.38 -21.17 5.91
C TYR A 67 2.86 -22.04 4.78
C TYR A 67 2.90 -22.16 4.92
N TRP A 68 4.18 -22.01 4.61
CA TRP A 68 4.83 -22.94 3.69
C TRP A 68 4.54 -24.36 4.15
N ASP A 69 4.22 -25.21 3.18
CA ASP A 69 3.87 -26.60 3.43
C ASP A 69 5.06 -27.54 3.55
N GLY A 70 6.29 -27.02 3.49
CA GLY A 70 7.48 -27.83 3.60
C GLY A 70 7.90 -28.53 2.31
N VAL A 71 7.14 -28.34 1.23
CA VAL A 71 7.47 -28.92 -0.06
C VAL A 71 8.52 -28.03 -0.73
N LYS A 72 9.66 -28.61 -1.09
CA LYS A 72 10.72 -27.83 -1.69
CA LYS A 72 10.73 -27.83 -1.69
C LYS A 72 10.39 -27.58 -3.15
N ARG A 73 10.02 -26.34 -3.44
CA ARG A 73 9.73 -25.93 -4.81
C ARG A 73 11.00 -25.34 -5.41
N GLU A 74 10.94 -25.13 -6.72
CA GLU A 74 12.17 -24.87 -7.48
CA GLU A 74 12.13 -24.86 -7.53
C GLU A 74 12.78 -23.50 -7.24
N ILE A 75 11.99 -22.55 -6.76
CA ILE A 75 12.46 -21.22 -6.46
CA ILE A 75 12.47 -21.20 -6.46
C ILE A 75 12.61 -21.10 -4.94
N ASP A 76 13.83 -20.92 -4.46
CA ASP A 76 14.11 -20.95 -3.01
CA ASP A 76 14.08 -20.96 -3.03
C ASP A 76 13.24 -19.94 -2.24
N ASN A 77 13.04 -18.77 -2.81
CA ASN A 77 12.28 -17.73 -2.14
C ASN A 77 10.85 -18.14 -1.86
N TRP A 78 10.34 -19.12 -2.58
CA TRP A 78 9.00 -19.66 -2.37
CA TRP A 78 8.99 -19.59 -2.30
C TRP A 78 8.90 -20.51 -1.10
N ASN A 79 10.03 -21.04 -0.64
CA ASN A 79 10.03 -22.09 0.38
C ASN A 79 10.06 -21.50 1.79
N ARG A 80 9.05 -20.67 2.06
CA ARG A 80 8.91 -19.94 3.31
C ARG A 80 7.52 -19.34 3.36
N ASP A 81 7.12 -18.87 4.52
CA ASP A 81 5.78 -18.30 4.70
C ASP A 81 5.66 -17.01 3.91
N HIS A 82 4.46 -16.75 3.39
CA HIS A 82 4.18 -15.59 2.55
C HIS A 82 2.81 -15.04 2.90
N THR A 83 2.58 -13.79 2.48
CA THR A 83 1.30 -13.12 2.58
C THR A 83 0.73 -12.87 1.20
N LEU A 84 -0.51 -12.41 1.15
CA LEU A 84 -1.11 -12.03 -0.12
C LEU A 84 -0.23 -10.98 -0.81
N GLY A 85 0.21 -10.00 -0.03
CA GLY A 85 1.03 -8.94 -0.58
C GLY A 85 2.44 -9.36 -0.95
N SER A 86 3.12 -10.13 -0.09
CA SER A 86 4.45 -10.58 -0.48
C SER A 86 4.34 -11.52 -1.68
N GLY A 87 3.25 -12.28 -1.74
CA GLY A 87 3.04 -13.22 -2.82
C GLY A 87 2.82 -12.52 -4.16
N MET A 88 2.23 -11.33 -4.15
CA MET A 88 2.13 -10.47 -5.34
CA MET A 88 2.16 -10.57 -5.39
C MET A 88 3.53 -10.00 -5.75
N ARG A 89 4.23 -9.39 -4.80
CA ARG A 89 5.51 -8.76 -5.06
C ARG A 89 6.53 -9.76 -5.59
N ASP A 90 6.52 -10.96 -4.99
CA ASP A 90 7.50 -11.99 -5.31
C ASP A 90 6.93 -13.09 -6.23
N SER A 91 5.71 -12.88 -6.71
CA SER A 91 5.03 -13.81 -7.60
CA SER A 91 5.06 -13.83 -7.63
C SER A 91 5.09 -15.28 -7.11
N VAL A 92 4.60 -15.45 -5.89
CA VAL A 92 4.64 -16.74 -5.22
C VAL A 92 3.40 -17.54 -5.61
N VAL A 93 3.56 -18.35 -6.65
CA VAL A 93 2.42 -19.03 -7.26
C VAL A 93 1.65 -19.86 -6.23
N TRP A 94 2.35 -20.61 -5.37
CA TRP A 94 1.64 -21.54 -4.50
C TRP A 94 0.64 -20.82 -3.59
N TYR A 95 0.95 -19.59 -3.18
CA TYR A 95 0.07 -18.85 -2.30
C TYR A 95 -1.27 -18.62 -3.01
N TYR A 96 -1.16 -18.14 -4.26
CA TYR A 96 -2.31 -17.80 -5.05
C TYR A 96 -3.08 -19.04 -5.51
N GLN A 97 -2.38 -20.17 -5.68
CA GLN A 97 -3.06 -21.43 -5.92
C GLN A 97 -3.90 -21.85 -4.70
N ALA A 98 -3.33 -21.73 -3.50
CA ALA A 98 -4.08 -22.06 -2.29
C ALA A 98 -5.31 -21.18 -2.18
N MET A 99 -5.14 -19.89 -2.46
CA MET A 99 -6.27 -18.96 -2.44
CA MET A 99 -6.27 -18.95 -2.43
C MET A 99 -7.32 -19.33 -3.46
N ALA A 100 -6.89 -19.66 -4.68
CA ALA A 100 -7.83 -20.06 -5.73
C ALA A 100 -8.65 -21.27 -5.30
N ARG A 101 -8.01 -22.26 -4.68
CA ARG A 101 -8.75 -23.42 -4.23
CA ARG A 101 -8.73 -23.43 -4.21
C ARG A 101 -9.82 -23.04 -3.21
N ASP A 102 -9.52 -22.09 -2.33
CA ASP A 102 -10.50 -21.61 -1.37
C ASP A 102 -11.62 -20.79 -2.02
N ILE A 103 -11.28 -19.98 -3.03
CA ILE A 103 -12.30 -19.26 -3.78
C ILE A 103 -13.26 -20.27 -4.39
N GLY A 104 -12.69 -21.29 -5.04
CA GLY A 104 -13.47 -22.36 -5.63
C GLY A 104 -14.00 -22.03 -7.01
N GLU A 105 -14.34 -23.09 -7.75
CA GLU A 105 -14.71 -22.93 -9.13
CA GLU A 105 -14.79 -23.00 -9.13
C GLU A 105 -15.97 -22.06 -9.34
N GLU A 106 -17.00 -22.21 -8.52
CA GLU A 106 -18.23 -21.46 -8.77
C GLU A 106 -18.01 -19.95 -8.64
N ARG A 107 -17.39 -19.53 -7.55
CA ARG A 107 -17.14 -18.11 -7.36
C ARG A 107 -16.11 -17.60 -8.35
N MET A 108 -15.08 -18.38 -8.63
CA MET A 108 -14.07 -17.94 -9.59
C MET A 108 -14.69 -17.73 -10.97
N ASN A 109 -15.54 -18.64 -11.42
N ASN A 109 -15.54 -18.67 -11.35
CA ASN A 109 -16.19 -18.46 -12.70
CA ASN A 109 -16.27 -18.66 -12.60
C ASN A 109 -17.00 -17.20 -12.74
C ASN A 109 -17.09 -17.38 -12.76
N HIS A 110 -17.80 -16.98 -11.70
CA HIS A 110 -18.60 -15.79 -11.69
C HIS A 110 -17.74 -14.53 -11.83
N TRP A 111 -16.71 -14.43 -11.01
CA TRP A 111 -15.95 -13.19 -10.97
C TRP A 111 -15.13 -12.98 -12.22
N VAL A 112 -14.56 -14.03 -12.78
CA VAL A 112 -13.79 -13.90 -14.00
CA VAL A 112 -13.78 -13.85 -14.01
C VAL A 112 -14.71 -13.41 -15.14
N LYS A 113 -15.94 -13.91 -15.17
CA LYS A 113 -16.91 -13.42 -16.16
C LYS A 113 -17.31 -11.97 -15.89
N ALA A 114 -17.51 -11.62 -14.62
CA ALA A 114 -17.99 -10.28 -14.27
C ALA A 114 -16.99 -9.19 -14.64
N ILE A 115 -15.71 -9.52 -14.64
CA ILE A 115 -14.67 -8.55 -14.96
C ILE A 115 -14.16 -8.66 -16.41
N HIS A 116 -14.83 -9.48 -17.23
CA HIS A 116 -14.51 -9.55 -18.67
C HIS A 116 -13.05 -9.92 -18.85
N TYR A 117 -12.64 -10.95 -18.14
CA TYR A 117 -11.24 -11.33 -18.19
C TYR A 117 -10.96 -12.24 -19.37
N GLY A 118 -10.79 -11.63 -20.54
CA GLY A 118 -10.46 -12.36 -21.74
C GLY A 118 -11.54 -13.38 -22.07
N ASN A 119 -11.10 -14.60 -22.40
CA ASN A 119 -12.05 -15.65 -22.74
C ASN A 119 -12.78 -16.23 -21.53
N LYS A 120 -12.39 -15.83 -20.33
CA LYS A 120 -13.07 -16.24 -19.09
CA LYS A 120 -13.06 -16.22 -19.08
C LYS A 120 -13.03 -17.74 -18.83
N ASP A 121 -12.12 -18.46 -19.48
CA ASP A 121 -12.16 -19.93 -19.43
CA ASP A 121 -12.14 -19.91 -19.45
C ASP A 121 -11.25 -20.46 -18.33
N ILE A 122 -11.86 -20.91 -17.24
CA ILE A 122 -11.11 -21.46 -16.11
C ILE A 122 -11.10 -22.98 -16.08
N SER A 123 -11.49 -23.61 -17.19
CA SER A 123 -11.63 -25.06 -17.21
C SER A 123 -10.33 -25.83 -17.12
N GLY A 124 -9.19 -25.15 -17.24
CA GLY A 124 -7.91 -25.81 -17.06
C GLY A 124 -7.66 -26.32 -15.65
N GLY A 125 -8.51 -25.92 -14.70
CA GLY A 125 -8.43 -26.38 -13.33
C GLY A 125 -8.27 -25.21 -12.37
N ILE A 126 -8.88 -25.33 -11.19
CA ILE A 126 -9.01 -24.21 -10.30
C ILE A 126 -7.69 -23.58 -9.89
N ASP A 127 -6.61 -24.37 -9.81
CA ASP A 127 -5.31 -23.83 -9.44
C ASP A 127 -4.30 -23.86 -10.59
N GLN A 128 -4.78 -24.01 -11.82
CA GLN A 128 -3.95 -24.15 -13.00
CA GLN A 128 -3.89 -24.08 -12.98
C GLN A 128 -4.31 -23.17 -14.13
N PHE A 129 -5.54 -22.65 -14.13
CA PHE A 129 -6.11 -22.13 -15.38
C PHE A 129 -5.43 -20.89 -15.93
N TRP A 130 -4.69 -20.16 -15.10
CA TRP A 130 -4.01 -18.94 -15.53
C TRP A 130 -2.56 -19.15 -15.93
N LEU A 131 -2.08 -20.40 -15.85
CA LEU A 131 -0.67 -20.73 -16.03
C LEU A 131 -0.53 -21.55 -17.31
N SER A 132 -0.25 -20.87 -18.41
CA SER A 132 -0.09 -21.52 -19.73
C SER A 132 -1.21 -22.48 -20.03
N SER A 133 -2.43 -22.05 -19.79
CA SER A 133 -3.58 -22.94 -19.75
C SER A 133 -4.76 -22.34 -20.54
N THR A 134 -5.97 -22.56 -20.03
CA THR A 134 -7.17 -22.27 -20.80
C THR A 134 -7.51 -20.79 -20.85
N LEU A 135 -7.23 -20.07 -19.77
CA LEU A 135 -7.59 -18.65 -19.71
C LEU A 135 -6.62 -17.86 -20.57
N ARG A 136 -7.16 -16.97 -21.41
CA ARG A 136 -6.33 -16.10 -22.23
C ARG A 136 -6.96 -14.73 -22.29
N ILE A 137 -6.12 -13.70 -22.28
CA ILE A 137 -6.56 -12.31 -22.30
C ILE A 137 -5.62 -11.53 -23.21
N SER A 138 -6.15 -10.56 -23.94
CA SER A 138 -5.31 -9.77 -24.82
C SER A 138 -4.72 -8.59 -24.10
N PRO A 139 -3.64 -8.03 -24.66
CA PRO A 139 -3.10 -6.77 -24.11
C PRO A 139 -4.15 -5.65 -24.07
N ILE A 140 -4.97 -5.53 -25.10
CA ILE A 140 -6.03 -4.53 -25.09
CA ILE A 140 -6.08 -4.58 -25.12
C ILE A 140 -7.01 -4.78 -23.92
N GLU A 141 -7.36 -6.03 -23.69
CA GLU A 141 -8.27 -6.38 -22.61
C GLU A 141 -7.64 -6.15 -21.24
N GLN A 142 -6.34 -6.39 -21.10
CA GLN A 142 -5.65 -6.06 -19.84
C GLN A 142 -5.76 -4.59 -19.55
N VAL A 143 -5.58 -3.74 -20.56
CA VAL A 143 -5.69 -2.31 -20.33
C VAL A 143 -7.12 -1.94 -19.97
N ARG A 144 -8.13 -2.54 -20.61
CA ARG A 144 -9.51 -2.20 -20.23
C ARG A 144 -9.76 -2.55 -18.76
N PHE A 145 -9.32 -3.73 -18.35
CA PHE A 145 -9.49 -4.22 -16.98
C PHE A 145 -8.77 -3.31 -15.98
N LEU A 146 -7.50 -3.02 -16.26
CA LEU A 146 -6.71 -2.21 -15.35
C LEU A 146 -7.17 -0.77 -15.30
N LYS A 147 -7.75 -0.26 -16.40
CA LYS A 147 -8.32 1.08 -16.36
C LYS A 147 -9.49 1.12 -15.39
N GLN A 148 -10.32 0.08 -15.41
CA GLN A 148 -11.41 -0.01 -14.45
C GLN A 148 -10.93 -0.20 -13.02
N LEU A 149 -9.83 -0.92 -12.82
CA LEU A 149 -9.25 -1.01 -11.48
C LEU A 149 -8.76 0.36 -11.02
N TYR A 150 -8.02 1.06 -11.87
CA TYR A 150 -7.53 2.38 -11.51
C TYR A 150 -8.69 3.33 -11.18
N GLU A 151 -9.70 3.35 -12.04
CA GLU A 151 -10.84 4.23 -11.91
CA GLU A 151 -10.83 4.25 -11.89
C GLU A 151 -11.86 3.75 -10.87
N GLU A 152 -11.65 2.54 -10.35
CA GLU A 152 -12.46 1.99 -9.28
C GLU A 152 -13.91 1.77 -9.70
N THR A 153 -14.06 1.30 -10.95
CA THR A 153 -15.38 1.02 -11.49
C THR A 153 -15.66 -0.47 -11.66
N LEU A 154 -14.70 -1.33 -11.33
CA LEU A 154 -14.97 -2.76 -11.27
C LEU A 154 -16.00 -3.06 -10.18
N PRO A 155 -16.68 -4.21 -10.26
CA PRO A 155 -17.70 -4.58 -9.28
C PRO A 155 -17.15 -5.18 -7.98
N PHE A 156 -16.01 -4.66 -7.52
CA PHE A 156 -15.46 -5.04 -6.24
C PHE A 156 -15.68 -3.90 -5.25
N ASP A 157 -15.61 -4.23 -3.97
CA ASP A 157 -15.65 -3.19 -2.95
C ASP A 157 -14.47 -2.24 -3.13
N LEU A 158 -14.70 -0.95 -2.91
CA LEU A 158 -13.64 0.04 -3.00
C LEU A 158 -12.42 -0.35 -2.17
N LYS A 159 -12.64 -0.78 -0.94
CA LYS A 159 -11.54 -1.14 -0.07
C LYS A 159 -10.63 -2.18 -0.73
N ASN A 160 -11.23 -3.15 -1.39
CA ASN A 160 -10.44 -4.23 -1.99
C ASN A 160 -9.63 -3.74 -3.19
N MET A 161 -10.21 -2.85 -3.98
CA MET A 161 -9.49 -2.22 -5.09
CA MET A 161 -9.48 -2.24 -5.08
C MET A 161 -8.30 -1.41 -4.57
N ARG A 162 -8.51 -0.65 -3.50
CA ARG A 162 -7.44 0.14 -2.92
C ARG A 162 -6.34 -0.77 -2.37
N THR A 163 -6.71 -1.86 -1.70
CA THR A 163 -5.71 -2.79 -1.18
C THR A 163 -4.87 -3.38 -2.31
N VAL A 164 -5.52 -3.85 -3.36
CA VAL A 164 -4.78 -4.47 -4.46
C VAL A 164 -3.87 -3.46 -5.13
N LYS A 165 -4.34 -2.23 -5.32
CA LYS A 165 -3.45 -1.24 -5.90
C LYS A 165 -2.23 -1.00 -5.01
N ARG A 166 -2.39 -0.91 -3.69
CA ARG A 166 -1.22 -0.76 -2.84
C ARG A 166 -0.25 -1.94 -3.03
N MET A 167 -0.80 -3.16 -3.16
CA MET A 167 0.03 -4.35 -3.35
CA MET A 167 0.01 -4.36 -3.36
C MET A 167 0.79 -4.34 -4.66
N MET A 168 0.30 -3.57 -5.65
CA MET A 168 0.90 -3.49 -6.97
C MET A 168 1.96 -2.41 -7.10
N VAL A 169 2.19 -1.61 -6.07
CA VAL A 169 3.18 -0.55 -6.18
C VAL A 169 4.53 -1.18 -6.47
N GLN A 170 5.16 -0.73 -7.56
CA GLN A 170 6.43 -1.26 -8.04
C GLN A 170 7.57 -0.27 -7.94
N GLU A 171 7.29 1.01 -8.19
CA GLU A 171 8.31 2.04 -8.10
C GLU A 171 7.68 3.28 -7.52
N GLU A 172 8.37 3.86 -6.55
CA GLU A 172 7.96 5.10 -5.92
C GLU A 172 9.03 6.14 -6.20
N GLU A 173 8.65 7.20 -6.89
CA GLU A 173 9.57 8.28 -7.24
CA GLU A 173 9.59 8.29 -7.18
C GLU A 173 8.96 9.60 -6.80
N LYS A 174 9.75 10.67 -6.84
CA LYS A 174 9.27 11.95 -6.35
C LYS A 174 7.94 12.35 -6.95
N HIS A 175 7.82 12.22 -8.27
CA HIS A 175 6.63 12.68 -8.99
C HIS A 175 5.86 11.57 -9.70
N ALA A 176 6.06 10.32 -9.29
CA ALA A 176 5.32 9.23 -9.93
C ALA A 176 5.26 8.01 -9.04
N THR A 177 4.21 7.21 -9.25
CA THR A 177 4.13 5.88 -8.70
C THR A 177 3.79 4.94 -9.84
N LEU A 178 4.60 3.91 -10.03
CA LEU A 178 4.30 2.86 -11.00
C LEU A 178 3.70 1.67 -10.28
N TYR A 179 2.56 1.22 -10.79
CA TYR A 179 1.86 0.03 -10.33
C TYR A 179 1.98 -1.01 -11.43
N GLY A 180 2.25 -2.26 -11.11
CA GLY A 180 2.31 -3.23 -12.18
C GLY A 180 2.58 -4.63 -11.71
N LYS A 181 2.57 -5.54 -12.67
CA LYS A 181 2.77 -6.96 -12.42
C LYS A 181 3.35 -7.63 -13.65
N THR A 182 4.38 -8.44 -13.44
CA THR A 182 4.97 -9.28 -14.47
C THR A 182 4.19 -10.58 -14.67
N GLY A 183 4.38 -11.16 -15.85
CA GLY A 183 4.01 -12.55 -16.07
C GLY A 183 4.98 -13.15 -17.06
N SER A 184 5.21 -14.46 -16.96
CA SER A 184 6.13 -15.11 -17.86
CA SER A 184 6.20 -15.16 -17.80
C SER A 184 5.78 -16.59 -17.94
N GLY A 185 6.17 -17.21 -19.05
CA GLY A 185 6.04 -18.64 -19.23
C GLY A 185 5.61 -18.94 -20.64
N SER A 186 6.07 -20.06 -21.18
CA SER A 186 5.69 -20.47 -22.52
C SER A 186 5.94 -19.39 -23.57
N ASP A 187 7.04 -18.68 -23.39
CA ASP A 187 7.47 -17.62 -24.30
C ASP A 187 6.44 -16.48 -24.41
N ILE A 188 5.66 -16.27 -23.35
CA ILE A 188 4.78 -15.11 -23.21
C ILE A 188 5.38 -14.25 -22.12
N GLY A 189 5.73 -13.02 -22.46
CA GLY A 189 6.28 -12.08 -21.50
C GLY A 189 5.35 -10.91 -21.32
N TRP A 190 4.87 -10.70 -20.09
CA TRP A 190 3.95 -9.61 -19.80
C TRP A 190 4.54 -8.62 -18.82
N TYR A 191 4.17 -7.36 -18.98
CA TYR A 191 4.20 -6.40 -17.88
C TYR A 191 2.99 -5.52 -18.06
N VAL A 192 2.11 -5.50 -17.06
CA VAL A 192 0.87 -4.74 -17.15
C VAL A 192 0.74 -3.87 -15.92
N GLY A 193 0.14 -2.69 -16.06
CA GLY A 193 -0.05 -1.84 -14.90
C GLY A 193 -0.47 -0.45 -15.27
N PHE A 194 -0.06 0.51 -14.44
CA PHE A 194 -0.40 1.90 -14.68
C PHE A 194 0.57 2.77 -13.93
N ILE A 195 0.88 3.92 -14.52
CA ILE A 195 1.77 4.86 -13.89
C ILE A 195 1.04 6.18 -13.67
N LYS A 196 1.06 6.64 -12.43
CA LYS A 196 0.60 7.98 -12.09
C LYS A 196 1.79 8.90 -12.16
N HIS A 197 1.69 9.96 -12.94
CA HIS A 197 2.77 10.94 -13.07
C HIS A 197 2.14 12.31 -13.03
N GLU A 198 2.41 13.05 -11.96
CA GLU A 198 1.71 14.30 -11.73
C GLU A 198 0.20 14.06 -11.73
N HIS A 199 -0.53 14.81 -12.56
CA HIS A 199 -1.99 14.72 -12.62
C HIS A 199 -2.45 13.91 -13.83
N LYS A 200 -1.54 13.09 -14.35
CA LYS A 200 -1.88 12.19 -15.45
C LYS A 200 -1.68 10.76 -14.98
N THR A 201 -2.46 9.85 -15.54
CA THR A 201 -2.31 8.42 -15.25
C THR A 201 -2.40 7.66 -16.56
N TYR A 202 -1.42 6.80 -16.81
CA TYR A 202 -1.37 6.01 -18.02
C TYR A 202 -1.50 4.54 -17.69
N ILE A 203 -2.50 3.89 -18.29
CA ILE A 203 -2.71 2.47 -18.15
C ILE A 203 -1.94 1.78 -19.28
N LEU A 204 -1.28 0.66 -19.01
CA LEU A 204 -0.41 0.07 -20.01
C LEU A 204 -0.34 -1.44 -19.95
N ALA A 205 0.00 -2.01 -21.10
CA ALA A 205 0.33 -3.42 -21.21
C ALA A 205 1.41 -3.60 -22.25
N THR A 206 2.43 -4.36 -21.87
CA THR A 206 3.50 -4.80 -22.76
C THR A 206 3.41 -6.31 -22.84
N ASN A 207 3.45 -6.85 -24.04
CA ASN A 207 3.40 -8.30 -24.23
C ASN A 207 4.33 -8.65 -25.35
N ILE A 208 5.26 -9.56 -25.07
CA ILE A 208 6.26 -9.98 -26.03
C ILE A 208 6.38 -11.49 -26.11
N LYS A 209 6.96 -11.97 -27.20
CA LYS A 209 7.48 -13.32 -27.26
CA LYS A 209 7.46 -13.32 -27.28
C LYS A 209 8.82 -13.28 -26.58
N GLY A 210 8.83 -13.65 -25.30
CA GLY A 210 9.98 -13.49 -24.44
C GLY A 210 9.55 -13.62 -23.00
N THR A 211 10.26 -12.96 -22.09
CA THR A 211 10.01 -13.11 -20.66
C THR A 211 9.39 -11.86 -20.04
N GLY A 212 8.82 -12.04 -18.85
CA GLY A 212 8.29 -10.94 -18.09
C GLY A 212 9.32 -9.90 -17.69
N ILE A 213 10.52 -10.37 -17.33
CA ILE A 213 11.61 -9.47 -16.99
C ILE A 213 11.91 -8.59 -18.20
N GLU A 214 11.95 -9.19 -19.38
CA GLU A 214 12.20 -8.44 -20.60
C GLU A 214 11.07 -7.43 -20.88
N ALA A 215 9.84 -7.86 -20.68
CA ALA A 215 8.71 -6.97 -20.90
C ALA A 215 8.75 -5.79 -19.93
N LYS A 216 9.12 -6.04 -18.67
CA LYS A 216 9.22 -4.98 -17.68
C LYS A 216 10.31 -4.00 -18.07
N ASP A 217 11.45 -4.51 -18.52
CA ASP A 217 12.55 -3.66 -18.94
CA ASP A 217 12.55 -3.66 -18.94
C ASP A 217 12.14 -2.76 -20.12
N ILE A 218 11.47 -3.33 -21.11
CA ILE A 218 10.98 -2.54 -22.24
C ILE A 218 10.06 -1.44 -21.73
N THR A 219 9.17 -1.80 -20.82
CA THR A 219 8.23 -0.82 -20.28
C THR A 219 8.96 0.34 -19.60
N TYR A 220 9.92 0.02 -18.75
CA TYR A 220 10.66 1.06 -18.05
C TYR A 220 11.37 1.98 -19.06
N ARG A 221 11.96 1.39 -20.10
CA ARG A 221 12.66 2.18 -21.09
C ARG A 221 11.71 3.13 -21.84
N ILE A 222 10.51 2.66 -22.17
CA ILE A 222 9.54 3.52 -22.82
C ILE A 222 9.13 4.67 -21.88
N LEU A 223 8.81 4.33 -20.63
CA LEU A 223 8.35 5.35 -19.69
C LEU A 223 9.45 6.37 -19.41
N LYS A 224 10.69 5.93 -19.38
CA LYS A 224 11.79 6.87 -19.24
C LYS A 224 11.96 7.77 -20.46
N LYS A 225 11.80 7.20 -21.66
CA LYS A 225 11.94 8.00 -22.88
C LYS A 225 10.98 9.20 -22.86
N TYR A 226 9.78 8.97 -22.34
CA TYR A 226 8.75 10.00 -22.33
C TYR A 226 8.65 10.73 -20.98
N HIS A 227 9.66 10.55 -20.13
CA HIS A 227 9.82 11.30 -18.89
C HIS A 227 8.70 11.07 -17.87
N LEU A 228 8.04 9.92 -17.98
CA LEU A 228 7.04 9.51 -17.00
C LEU A 228 7.69 8.83 -15.80
N MET A 229 8.87 8.25 -16.04
CA MET A 229 9.70 7.68 -15.01
CA MET A 229 9.70 7.70 -14.99
C MET A 229 11.04 8.39 -15.05
N GLU A 230 11.62 8.64 -13.87
CA GLU A 230 12.92 9.28 -13.75
C GLU A 230 14.01 8.41 -14.32
N ALA A 231 15.05 9.04 -14.84
CA ALA A 231 16.24 8.31 -15.19
C ALA A 231 16.94 7.81 -13.93
N SER A 232 17.85 6.86 -14.13
CA SER A 232 18.71 6.37 -13.06
C SER A 232 19.84 7.37 -12.80
N VAL A 233 19.54 8.39 -12.02
CA VAL A 233 20.51 9.46 -11.75
C VAL A 233 21.41 9.10 -10.57
N ALA B 1 -10.06 27.97 2.36
CA ALA B 1 -9.66 27.24 3.56
C ALA B 1 -10.88 26.73 4.32
N ILE B 2 -10.62 26.10 5.45
CA ILE B 2 -11.68 25.60 6.34
C ILE B 2 -11.67 26.42 7.62
N ALA B 3 -12.85 26.87 8.04
CA ALA B 3 -13.00 27.71 9.23
C ALA B 3 -13.28 26.85 10.47
N TRP B 4 -12.24 26.18 10.95
CA TRP B 4 -12.39 25.20 12.01
C TRP B 4 -12.98 25.75 13.29
N SER B 5 -13.87 24.98 13.88
CA SER B 5 -14.38 25.23 15.22
C SER B 5 -14.70 23.87 15.77
N VAL B 6 -14.10 23.51 16.91
CA VAL B 6 -14.18 22.13 17.37
C VAL B 6 -14.55 22.04 18.84
N ASP B 7 -14.98 23.15 19.44
CA ASP B 7 -15.22 23.15 20.88
C ASP B 7 -16.26 22.11 21.29
N GLU B 8 -17.24 21.87 20.43
CA GLU B 8 -18.33 20.98 20.79
C GLU B 8 -17.92 19.52 20.90
N PHE B 9 -16.71 19.20 20.47
CA PHE B 9 -16.20 17.83 20.55
C PHE B 9 -15.37 17.61 21.80
N PHE B 10 -15.13 18.67 22.57
CA PHE B 10 -14.31 18.59 23.78
C PHE B 10 -15.09 19.13 24.97
N LYS B 11 -16.40 18.97 24.97
CA LYS B 11 -17.21 19.57 26.03
C LYS B 11 -16.84 19.01 27.40
N ASN B 12 -16.37 19.91 28.27
CA ASN B 12 -15.91 19.56 29.62
C ASN B 12 -14.86 18.46 29.62
N ARG B 13 -14.07 18.40 28.55
CA ARG B 13 -12.93 17.49 28.47
C ARG B 13 -11.68 18.29 28.17
N GLU B 14 -10.54 17.77 28.61
CA GLU B 14 -9.26 18.41 28.37
C GLU B 14 -8.67 17.80 27.12
N GLY B 15 -8.54 18.59 26.06
CA GLY B 15 -7.98 18.08 24.83
C GLY B 15 -7.55 19.19 23.93
N THR B 16 -6.89 18.81 22.84
CA THR B 16 -6.36 19.73 21.89
C THR B 16 -6.45 19.12 20.49
N PHE B 17 -6.58 19.98 19.50
CA PHE B 17 -6.65 19.60 18.10
C PHE B 17 -5.73 20.52 17.33
N VAL B 18 -4.86 19.94 16.50
CA VAL B 18 -3.93 20.68 15.67
C VAL B 18 -4.13 20.18 14.26
N ILE B 19 -4.38 21.06 13.30
CA ILE B 19 -4.61 20.63 11.92
C ILE B 19 -4.10 21.67 10.95
N GLN B 20 -3.56 21.20 9.83
CA GLN B 20 -2.87 22.07 8.89
C GLN B 20 -2.85 21.50 7.51
N GLU B 21 -3.36 22.25 6.55
N GLU B 21 -2.98 22.30 6.47
CA GLU B 21 -3.35 21.79 5.17
CA GLU B 21 -2.56 21.81 5.16
C GLU B 21 -1.88 21.83 4.82
C GLU B 21 -1.02 21.73 5.15
N VAL B 22 -1.43 20.81 4.09
N VAL B 22 -0.41 20.64 4.64
CA VAL B 22 -0.04 20.69 3.72
CA VAL B 22 1.06 20.43 4.72
C VAL B 22 0.42 21.93 2.98
C VAL B 22 1.78 21.63 4.07
N LYS B 23 1.70 22.27 3.18
N LYS B 23 1.11 22.79 4.07
CA LYS B 23 2.37 23.43 2.59
CA LYS B 23 0.96 23.55 2.85
C LYS B 23 2.20 24.71 3.40
C LYS B 23 -0.16 24.61 2.92
N GLU B 24 1.24 24.75 4.32
N GLU B 24 -0.71 24.86 4.11
CA GLU B 24 1.08 25.92 5.19
CA GLU B 24 -1.13 26.22 4.48
C GLU B 24 2.26 25.96 6.14
C GLU B 24 0.09 26.59 5.26
N LYS B 25 2.55 27.15 6.66
N LYS B 25 0.26 27.85 5.56
CA LYS B 25 3.68 27.34 7.57
CA LYS B 25 1.51 28.28 6.14
C LYS B 25 3.30 26.90 8.98
C LYS B 25 1.51 28.25 7.67
N SER B 26 2.10 27.25 9.41
N SER B 26 0.57 27.54 8.29
CA SER B 26 1.63 26.98 10.77
CA SER B 26 0.55 27.38 9.74
C SER B 26 0.23 26.34 10.80
C SER B 26 -0.57 26.47 10.19
N PRO B 27 -0.06 25.54 11.83
N PRO B 27 -0.37 25.72 11.30
CA PRO B 27 -1.38 24.90 11.93
CA PRO B 27 -1.47 24.89 11.82
C PRO B 27 -2.48 25.79 12.54
C PRO B 27 -2.47 25.68 12.66
N TRP B 28 -3.73 25.33 12.46
CA TRP B 28 -4.81 25.84 13.26
C TRP B 28 -4.86 25.00 14.53
N VAL B 29 -5.07 25.65 15.67
CA VAL B 29 -4.99 24.98 16.95
C VAL B 29 -6.16 25.32 17.86
N TYR B 30 -6.79 24.28 18.40
CA TYR B 30 -7.70 24.39 19.52
C TYR B 30 -6.94 23.99 20.80
N ASN B 31 -7.01 24.84 21.82
CA ASN B 31 -6.32 24.67 23.10
C ASN B 31 -4.82 24.72 22.95
N LYS B 32 -4.32 25.92 22.75
CA LYS B 32 -2.92 26.12 22.46
C LYS B 32 -2.00 25.69 23.61
N LYS B 33 -2.45 25.84 24.85
CA LYS B 33 -1.60 25.47 25.98
C LYS B 33 -1.35 23.97 25.98
N ARG B 34 -2.38 23.17 25.80
CA ARG B 34 -2.18 21.72 25.78
C ARG B 34 -1.47 21.25 24.50
N ALA B 35 -1.69 21.99 23.41
CA ALA B 35 -1.07 21.63 22.14
C ALA B 35 0.45 21.66 22.22
N LYS B 36 0.99 22.49 23.11
CA LYS B 36 2.45 22.60 23.24
CA LYS B 36 2.43 22.64 23.28
C LYS B 36 3.00 21.72 24.36
N GLU B 37 2.11 21.08 25.12
CA GLU B 37 2.53 20.18 26.19
C GLU B 37 2.97 18.82 25.63
N ARG B 38 4.05 18.27 26.15
CA ARG B 38 4.57 16.99 25.67
C ARG B 38 4.00 15.83 26.49
N PHE B 39 3.64 14.77 25.77
CA PHE B 39 3.07 13.56 26.35
C PHE B 39 3.76 12.35 25.76
N ALA B 40 3.77 11.26 26.53
CA ALA B 40 4.25 10.01 25.99
C ALA B 40 3.50 9.70 24.70
N PRO B 41 4.20 9.26 23.65
CA PRO B 41 3.53 9.05 22.37
C PRO B 41 2.65 7.80 22.32
N GLN B 42 2.90 6.86 23.23
CA GLN B 42 2.22 5.56 23.21
C GLN B 42 2.40 4.95 21.82
N SER B 43 1.42 4.23 21.30
CA SER B 43 1.62 3.56 20.02
C SER B 43 1.70 4.48 18.81
N THR B 44 1.50 5.79 18.98
CA THR B 44 1.79 6.67 17.86
C THR B 44 3.28 6.61 17.47
N PHE B 45 4.13 6.19 18.40
CA PHE B 45 5.54 6.04 18.08
C PHE B 45 5.78 4.96 17.01
N VAL B 47 4.89 4.88 14.09
CA VAL B 47 5.21 5.53 12.82
C VAL B 47 6.72 5.74 12.69
N ALA B 48 7.32 6.34 13.71
CA ALA B 48 8.75 6.55 13.74
C ALA B 48 9.52 5.23 13.83
N ASN B 49 9.05 4.32 14.68
CA ASN B 49 9.73 3.04 14.89
C ASN B 49 9.80 2.26 13.57
N ALA B 50 8.71 2.24 12.81
CA ALA B 50 8.72 1.54 11.52
C ALA B 50 9.71 2.18 10.54
N LEU B 51 9.75 3.50 10.48
CA LEU B 51 10.68 4.19 9.58
C LEU B 51 12.11 3.79 9.91
N ILE B 52 12.42 3.78 11.19
CA ILE B 52 13.76 3.46 11.68
C ILE B 52 14.07 1.98 11.46
N GLY B 53 13.10 1.10 11.70
CA GLY B 53 13.30 -0.34 11.50
C GLY B 53 13.60 -0.64 10.04
N LEU B 54 12.89 0.01 9.13
CA LEU B 54 13.15 -0.16 7.71
C LEU B 54 14.51 0.44 7.32
N GLN B 55 14.79 1.65 7.77
CA GLN B 55 16.02 2.32 7.38
C GLN B 55 17.27 1.56 7.82
N THR B 56 17.21 0.98 9.02
CA THR B 56 18.32 0.23 9.58
C THR B 56 18.42 -1.23 9.11
N GLY B 57 17.40 -1.73 8.45
CA GLY B 57 17.37 -3.12 8.03
C GLY B 57 16.97 -4.12 9.11
N ALA B 58 16.46 -3.63 10.24
CA ALA B 58 15.96 -4.52 11.29
C ALA B 58 14.75 -5.33 10.80
N VAL B 59 13.98 -4.71 9.91
CA VAL B 59 12.89 -5.36 9.23
C VAL B 59 13.04 -5.06 7.75
N ARG B 60 12.51 -5.97 6.95
CA ARG B 60 12.73 -5.93 5.51
CA ARG B 60 12.76 -5.92 5.52
C ARG B 60 11.78 -5.02 4.76
N ASP B 61 10.51 -5.08 5.14
CA ASP B 61 9.44 -4.40 4.43
C ASP B 61 8.15 -4.59 5.23
N GLU B 62 7.03 -4.13 4.67
CA GLU B 62 5.76 -4.19 5.36
C GLU B 62 5.24 -5.61 5.56
N TYR B 63 5.85 -6.57 4.86
CA TYR B 63 5.43 -7.96 4.87
C TYR B 63 6.32 -8.84 5.76
N ASP B 64 7.24 -8.23 6.50
CA ASP B 64 8.20 -9.00 7.30
C ASP B 64 7.47 -9.65 8.47
N ILE B 65 7.38 -10.98 8.43
CA ILE B 65 6.64 -11.73 9.44
C ILE B 65 7.47 -11.92 10.71
N LYS B 66 6.85 -11.64 11.86
CA LYS B 66 7.36 -12.10 13.14
C LYS B 66 6.33 -13.04 13.74
N TYR B 67 6.85 -14.01 14.47
CA TYR B 67 6.05 -15.11 14.96
C TYR B 67 5.64 -14.89 16.38
N TRP B 68 4.34 -15.04 16.63
CA TRP B 68 3.77 -14.96 17.96
C TRP B 68 4.41 -16.00 18.87
N ASP B 69 4.70 -15.59 20.11
CA ASP B 69 5.33 -16.48 21.07
C ASP B 69 4.39 -17.48 21.70
N GLY B 70 3.11 -17.46 21.34
CA GLY B 70 2.16 -18.42 21.84
C GLY B 70 1.57 -18.10 23.19
N VAL B 71 1.89 -16.93 23.76
CA VAL B 71 1.36 -16.47 25.03
C VAL B 71 0.11 -15.66 24.75
N LYS B 72 -1.00 -16.03 25.39
CA LYS B 72 -2.26 -15.38 25.12
C LYS B 72 -2.33 -14.04 25.84
N ARG B 73 -2.26 -12.95 25.07
CA ARG B 73 -2.36 -11.62 25.60
C ARG B 73 -3.82 -11.18 25.58
N GLU B 74 -4.11 -10.06 26.24
CA GLU B 74 -5.49 -9.63 26.44
C GLU B 74 -6.23 -9.25 25.16
N ILE B 75 -5.51 -8.69 24.19
CA ILE B 75 -6.10 -8.27 22.94
C ILE B 75 -6.03 -9.42 21.95
N ASP B 76 -7.18 -9.95 21.56
CA ASP B 76 -7.23 -11.18 20.79
C ASP B 76 -6.41 -11.10 19.50
N ASN B 77 -6.49 -10.00 18.78
CA ASN B 77 -5.82 -9.97 17.51
CA ASN B 77 -5.82 -9.93 17.50
C ASN B 77 -4.30 -9.88 17.62
N TRP B 78 -3.77 -9.73 18.84
CA TRP B 78 -2.33 -9.82 19.04
C TRP B 78 -1.84 -11.26 19.07
N ASN B 79 -2.76 -12.21 19.23
CA ASN B 79 -2.40 -13.61 19.49
C ASN B 79 -2.26 -14.41 18.19
N ARG B 80 -1.46 -13.87 17.28
CA ARG B 80 -1.20 -14.52 16.00
C ARG B 80 0.06 -13.91 15.42
N ASP B 81 0.63 -14.60 14.45
CA ASP B 81 1.76 -14.07 13.71
C ASP B 81 1.34 -12.78 12.99
N HIS B 82 2.27 -11.85 12.87
CA HIS B 82 1.99 -10.54 12.29
C HIS B 82 3.13 -10.11 11.38
N THR B 83 2.83 -9.14 10.52
CA THR B 83 3.85 -8.47 9.74
CA THR B 83 3.89 -8.49 9.79
C THR B 83 4.07 -7.06 10.28
N LEU B 84 5.09 -6.38 9.78
CA LEU B 84 5.32 -5.00 10.15
C LEU B 84 4.05 -4.17 9.92
N GLY B 85 3.44 -4.37 8.75
CA GLY B 85 2.26 -3.63 8.38
C GLY B 85 1.02 -4.00 9.18
N SER B 86 0.78 -5.29 9.40
CA SER B 86 -0.37 -5.64 10.20
C SER B 86 -0.16 -5.23 11.67
N GLY B 87 1.11 -5.23 12.09
CA GLY B 87 1.45 -4.79 13.42
C GLY B 87 1.14 -3.32 13.64
N MET B 88 1.29 -2.51 12.60
CA MET B 88 0.88 -1.10 12.62
CA MET B 88 0.88 -1.13 12.73
C MET B 88 -0.64 -1.03 12.75
N ARG B 89 -1.32 -1.69 11.83
CA ARG B 89 -2.79 -1.65 11.73
CA ARG B 89 -2.77 -1.56 11.75
C ARG B 89 -3.47 -2.07 13.01
N ASP B 90 -2.97 -3.15 13.61
CA ASP B 90 -3.56 -3.72 14.82
C ASP B 90 -2.82 -3.29 16.09
N SER B 91 -1.87 -2.37 15.94
CA SER B 91 -1.11 -1.84 17.07
C SER B 91 -0.53 -2.94 17.95
N VAL B 92 0.19 -3.86 17.31
CA VAL B 92 0.70 -5.05 17.96
C VAL B 92 2.03 -4.72 18.64
N VAL B 93 1.93 -4.34 19.91
CA VAL B 93 3.08 -3.85 20.63
C VAL B 93 4.24 -4.86 20.62
N TRP B 94 3.94 -6.15 20.78
CA TRP B 94 5.04 -7.10 20.88
C TRP B 94 5.89 -7.14 19.61
N TYR B 95 5.27 -6.93 18.45
CA TYR B 95 6.02 -6.94 17.21
C TYR B 95 7.04 -5.80 17.21
N TYR B 96 6.54 -4.62 17.56
CA TYR B 96 7.36 -3.42 17.52
C TYR B 96 8.40 -3.38 18.63
N GLN B 97 8.13 -4.05 19.74
CA GLN B 97 9.15 -4.24 20.77
C GLN B 97 10.28 -5.14 20.28
N ALA B 98 9.95 -6.24 19.60
CA ALA B 98 10.98 -7.10 19.03
C ALA B 98 11.83 -6.32 18.02
N MET B 99 11.18 -5.53 17.17
CA MET B 99 11.90 -4.70 16.21
C MET B 99 12.80 -3.66 16.91
N ALA B 100 12.29 -3.02 17.95
CA ALA B 100 13.08 -2.03 18.70
C ALA B 100 14.34 -2.65 19.25
N ARG B 101 14.21 -3.84 19.83
CA ARG B 101 15.38 -4.53 20.36
C ARG B 101 16.43 -4.79 19.27
N ASP B 102 15.98 -5.12 18.06
CA ASP B 102 16.91 -5.36 16.96
C ASP B 102 17.55 -4.04 16.50
N ILE B 103 16.76 -2.96 16.41
CA ILE B 103 17.34 -1.64 16.08
C ILE B 103 18.44 -1.30 17.07
N GLY B 104 18.14 -1.50 18.34
CA GLY B 104 19.09 -1.25 19.41
C GLY B 104 19.18 0.20 19.83
N GLU B 105 19.74 0.42 21.03
CA GLU B 105 19.76 1.75 21.63
C GLU B 105 20.54 2.78 20.80
N GLU B 106 21.70 2.41 20.27
CA GLU B 106 22.51 3.37 19.54
C GLU B 106 21.84 3.90 18.28
N ARG B 107 21.35 2.99 17.45
CA ARG B 107 20.72 3.39 16.20
C ARG B 107 19.41 4.10 16.49
N MET B 108 18.68 3.61 17.48
CA MET B 108 17.40 4.23 17.82
C MET B 108 17.65 5.68 18.24
N ASN B 109 18.67 5.89 19.07
CA ASN B 109 18.98 7.24 19.52
C ASN B 109 19.38 8.14 18.35
N HIS B 110 20.18 7.60 17.44
CA HIS B 110 20.65 8.35 16.28
C HIS B 110 19.47 8.86 15.45
N TRP B 111 18.51 8.00 15.15
CA TRP B 111 17.42 8.39 14.27
C TRP B 111 16.39 9.25 14.98
N VAL B 112 16.14 8.97 16.26
CA VAL B 112 15.20 9.77 17.02
C VAL B 112 15.70 11.20 17.13
N LYS B 113 17.00 11.35 17.32
CA LYS B 113 17.62 12.66 17.32
C LYS B 113 17.53 13.31 15.93
N ALA B 114 17.81 12.53 14.89
CA ALA B 114 17.85 13.05 13.52
C ALA B 114 16.50 13.56 13.03
N ILE B 115 15.42 12.98 13.55
CA ILE B 115 14.07 13.40 13.14
C ILE B 115 13.45 14.37 14.13
N HIS B 116 14.23 14.74 15.16
CA HIS B 116 13.79 15.72 16.17
C HIS B 116 12.46 15.33 16.80
N TYR B 117 12.37 14.09 17.28
CA TYR B 117 11.13 13.58 17.85
C TYR B 117 10.94 13.98 19.31
N GLY B 118 10.20 15.07 19.53
CA GLY B 118 9.90 15.54 20.87
C GLY B 118 11.17 15.76 21.66
N ASN B 119 11.19 15.27 22.90
CA ASN B 119 12.33 15.47 23.78
C ASN B 119 13.48 14.49 23.46
N LYS B 120 13.23 13.57 22.54
CA LYS B 120 14.24 12.64 22.03
C LYS B 120 14.81 11.72 23.10
N ASP B 121 14.12 11.58 24.22
CA ASP B 121 14.64 10.81 25.35
C ASP B 121 14.17 9.37 25.29
N ILE B 122 15.05 8.47 24.86
CA ILE B 122 14.69 7.05 24.73
C ILE B 122 15.28 6.23 25.88
N SER B 123 15.71 6.91 26.94
CA SER B 123 16.43 6.23 28.01
C SER B 123 15.57 5.31 28.89
N GLY B 124 14.25 5.33 28.73
CA GLY B 124 13.40 4.47 29.54
C GLY B 124 13.48 2.97 29.22
N GLY B 125 14.30 2.60 28.24
CA GLY B 125 14.51 1.20 27.90
C GLY B 125 14.12 0.95 26.47
N ILE B 126 14.93 0.16 25.77
CA ILE B 126 14.82 0.05 24.32
C ILE B 126 13.45 -0.42 23.83
N ASP B 127 12.74 -1.23 24.63
CA ASP B 127 11.39 -1.67 24.22
C ASP B 127 10.25 -1.15 25.09
N GLN B 128 10.55 -0.11 25.86
CA GLN B 128 9.54 0.53 26.72
C GLN B 128 9.48 2.05 26.61
N PHE B 129 10.43 2.71 25.96
CA PHE B 129 10.60 4.17 26.15
C PHE B 129 9.45 5.01 25.61
N TRP B 130 8.62 4.42 24.74
CA TRP B 130 7.52 5.16 24.13
C TRP B 130 6.18 4.90 24.81
N LEU B 131 6.18 4.06 25.84
CA LEU B 131 4.97 3.58 26.50
C LEU B 131 4.91 4.14 27.92
N SER B 132 4.23 5.28 28.07
CA SER B 132 4.10 5.91 29.38
C SER B 132 5.44 6.00 30.09
N SER B 133 6.45 6.51 29.38
CA SER B 133 7.84 6.43 29.83
C SER B 133 8.57 7.74 29.51
N THR B 134 9.83 7.67 29.11
CA THR B 134 10.70 8.85 29.03
C THR B 134 10.47 9.73 27.81
N LEU B 135 10.09 9.13 26.68
CA LEU B 135 9.93 9.89 25.46
C LEU B 135 8.61 10.64 25.53
N ARG B 136 8.66 11.92 25.20
CA ARG B 136 7.46 12.73 25.18
CA ARG B 136 7.48 12.78 25.22
C ARG B 136 7.49 13.70 24.01
N ILE B 137 6.32 13.93 23.41
CA ILE B 137 6.20 14.75 22.23
C ILE B 137 4.87 15.52 22.33
N SER B 138 4.86 16.75 21.86
CA SER B 138 3.63 17.55 21.91
C SER B 138 2.79 17.32 20.67
N PRO B 139 1.50 17.65 20.77
CA PRO B 139 0.66 17.58 19.57
C PRO B 139 1.18 18.45 18.40
N ILE B 140 1.66 19.64 18.70
CA ILE B 140 2.26 20.49 17.67
C ILE B 140 3.46 19.79 17.03
N GLU B 141 4.29 19.16 17.84
CA GLU B 141 5.45 18.41 17.35
C GLU B 141 5.07 17.18 16.51
N GLN B 142 3.97 16.52 16.87
CA GLN B 142 3.49 15.42 16.06
C GLN B 142 3.12 15.89 14.66
N VAL B 143 2.44 17.03 14.57
CA VAL B 143 2.06 17.56 13.26
C VAL B 143 3.29 17.98 12.46
N ARG B 144 4.27 18.59 13.11
CA ARG B 144 5.52 18.94 12.45
C ARG B 144 6.19 17.70 11.84
N PHE B 145 6.27 16.65 12.65
CA PHE B 145 6.89 15.39 12.23
C PHE B 145 6.12 14.76 11.08
N LEU B 146 4.81 14.68 11.21
CA LEU B 146 4.00 14.04 10.18
C LEU B 146 3.97 14.85 8.89
N LYS B 147 4.08 16.17 8.99
CA LYS B 147 4.16 17.00 7.79
C LYS B 147 5.42 16.67 7.00
N GLN B 148 6.53 16.48 7.72
CA GLN B 148 7.79 16.11 7.09
C GLN B 148 7.70 14.72 6.49
N LEU B 149 6.98 13.80 7.14
CA LEU B 149 6.79 12.49 6.55
C LEU B 149 5.96 12.62 5.27
N TYR B 150 4.87 13.39 5.32
CA TYR B 150 4.02 13.53 4.15
C TYR B 150 4.77 14.16 2.97
N GLU B 151 5.50 15.24 3.25
CA GLU B 151 6.25 15.97 2.21
CA GLU B 151 6.23 15.96 2.19
C GLU B 151 7.55 15.27 1.85
N GLU B 152 7.86 14.19 2.58
CA GLU B 152 9.02 13.34 2.28
C GLU B 152 10.35 14.09 2.42
N THR B 153 10.45 14.90 3.48
CA THR B 153 11.67 15.66 3.76
C THR B 153 12.43 15.13 4.98
N LEU B 154 11.91 14.11 5.64
CA LEU B 154 12.67 13.44 6.69
C LEU B 154 13.88 12.76 6.09
N PRO B 155 14.90 12.48 6.90
CA PRO B 155 16.15 11.90 6.40
C PRO B 155 16.07 10.39 6.20
N PHE B 156 14.91 9.90 5.76
CA PHE B 156 14.76 8.48 5.43
C PHE B 156 14.73 8.31 3.92
N ASP B 157 15.02 7.10 3.45
CA ASP B 157 14.86 6.80 2.03
C ASP B 157 13.41 7.02 1.62
N LEU B 158 13.21 7.57 0.43
CA LEU B 158 11.87 7.79 -0.10
C LEU B 158 11.04 6.50 -0.03
N LYS B 159 11.64 5.40 -0.42
CA LYS B 159 10.95 4.12 -0.42
C LYS B 159 10.37 3.82 0.96
N ASN B 160 11.15 4.08 2.00
CA ASN B 160 10.68 3.75 3.34
C ASN B 160 9.55 4.66 3.80
N MET B 161 9.59 5.92 3.41
CA MET B 161 8.52 6.82 3.77
CA MET B 161 8.51 6.85 3.73
C MET B 161 7.22 6.46 3.01
N ARG B 162 7.34 6.03 1.76
CA ARG B 162 6.16 5.60 1.04
C ARG B 162 5.61 4.32 1.68
N THR B 163 6.49 3.40 2.09
CA THR B 163 6.07 2.16 2.71
C THR B 163 5.29 2.44 3.99
N VAL B 164 5.84 3.30 4.84
CA VAL B 164 5.20 3.60 6.11
C VAL B 164 3.86 4.33 5.88
N LYS B 165 3.80 5.26 4.92
CA LYS B 165 2.51 5.88 4.62
C LYS B 165 1.48 4.85 4.15
N ARG B 166 1.85 3.91 3.28
CA ARG B 166 0.90 2.89 2.87
C ARG B 166 0.43 2.09 4.10
N MET B 167 1.35 1.81 5.03
CA MET B 167 1.00 1.06 6.23
CA MET B 167 1.01 1.04 6.22
C MET B 167 0.06 1.79 7.14
N MET B 168 0.01 3.11 7.03
CA MET B 168 -0.82 3.96 7.88
C MET B 168 -2.25 4.14 7.36
N VAL B 169 -2.58 3.60 6.20
CA VAL B 169 -3.93 3.80 5.67
C VAL B 169 -4.96 3.24 6.64
N GLN B 170 -5.92 4.09 6.99
CA GLN B 170 -6.97 3.76 7.94
CA GLN B 170 -6.98 3.81 7.98
C GLN B 170 -8.36 3.70 7.33
N GLU B 171 -8.67 4.61 6.41
CA GLU B 171 -9.99 4.63 5.76
C GLU B 171 -9.77 4.98 4.31
N GLU B 172 -10.48 4.27 3.44
CA GLU B 172 -10.45 4.53 2.01
C GLU B 172 -11.86 4.90 1.57
N GLU B 173 -12.00 6.11 1.05
CA GLU B 173 -13.29 6.60 0.57
C GLU B 173 -13.13 7.08 -0.88
N LYS B 174 -14.25 7.30 -1.56
CA LYS B 174 -14.22 7.68 -2.97
C LYS B 174 -13.26 8.84 -3.19
N HIS B 175 -13.37 9.88 -2.36
CA HIS B 175 -12.60 11.10 -2.54
C HIS B 175 -11.58 11.38 -1.44
N ALA B 176 -11.25 10.37 -0.62
CA ALA B 176 -10.31 10.62 0.46
C ALA B 176 -9.63 9.33 0.91
N THR B 177 -8.42 9.49 1.43
CA THR B 177 -7.76 8.43 2.19
C THR B 177 -7.28 9.05 3.52
N LEU B 178 -7.72 8.44 4.62
CA LEU B 178 -7.24 8.81 5.95
C LEU B 178 -6.09 7.89 6.33
N TYR B 179 -4.99 8.49 6.75
CA TYR B 179 -3.83 7.81 7.28
C TYR B 179 -3.72 8.19 8.74
N GLY B 180 -3.40 7.26 9.62
CA GLY B 180 -3.23 7.65 11.00
C GLY B 180 -2.93 6.51 11.92
N LYS B 181 -2.76 6.87 13.18
CA LYS B 181 -2.36 5.93 14.20
C LYS B 181 -2.87 6.38 15.57
N THR B 182 -3.52 5.49 16.28
CA THR B 182 -3.95 5.71 17.64
C THR B 182 -2.80 5.52 18.63
N GLY B 183 -2.95 6.14 19.79
CA GLY B 183 -2.16 5.83 20.95
C GLY B 183 -3.02 5.98 22.19
N SER B 184 -2.75 5.21 23.22
CA SER B 184 -3.55 5.28 24.43
C SER B 184 -2.76 4.76 25.62
N GLY B 185 -3.15 5.17 26.81
CA GLY B 185 -2.61 4.68 28.04
C GLY B 185 -2.35 5.80 29.00
N SER B 186 -2.57 5.52 30.29
CA SER B 186 -2.26 6.47 31.34
C SER B 186 -2.98 7.81 31.12
N ASP B 187 -4.21 7.74 30.64
CA ASP B 187 -5.05 8.91 30.43
C ASP B 187 -4.51 9.83 29.34
N ILE B 188 -3.71 9.29 28.43
CA ILE B 188 -3.25 10.00 27.25
C ILE B 188 -3.87 9.34 26.04
N GLY B 189 -4.71 10.08 25.32
CA GLY B 189 -5.37 9.57 24.13
C GLY B 189 -4.90 10.34 22.93
N TRP B 190 -4.40 9.62 21.93
CA TRP B 190 -3.89 10.21 20.71
C TRP B 190 -4.57 9.66 19.48
N TYR B 191 -4.74 10.52 18.49
CA TYR B 191 -4.90 10.07 17.12
C TYR B 191 -4.14 11.06 16.26
N VAL B 192 -3.15 10.59 15.51
CA VAL B 192 -2.34 11.45 14.68
C VAL B 192 -2.28 10.91 13.28
N GLY B 193 -2.19 11.79 12.30
CA GLY B 193 -2.08 11.31 10.94
C GLY B 193 -2.29 12.40 9.93
N PHE B 194 -2.86 12.02 8.79
CA PHE B 194 -3.12 12.98 7.75
C PHE B 194 -4.21 12.44 6.85
N ILE B 195 -5.00 13.36 6.30
CA ILE B 195 -6.04 12.97 5.36
C ILE B 195 -5.85 13.66 4.04
N LYS B 196 -5.75 12.86 2.98
CA LYS B 196 -5.70 13.35 1.62
C LYS B 196 -7.13 13.36 1.10
N HIS B 197 -7.63 14.53 0.76
CA HIS B 197 -8.98 14.66 0.24
C HIS B 197 -8.89 15.44 -1.05
N GLU B 198 -9.20 14.79 -2.17
CA GLU B 198 -8.98 15.40 -3.47
C GLU B 198 -7.52 15.82 -3.57
N HIS B 199 -7.26 17.09 -3.87
CA HIS B 199 -5.90 17.56 -4.05
C HIS B 199 -5.37 18.26 -2.81
N LYS B 200 -6.12 18.18 -1.71
CA LYS B 200 -5.73 18.78 -0.44
C LYS B 200 -5.34 17.69 0.54
N THR B 201 -4.35 17.99 1.38
CA THR B 201 -3.95 17.08 2.44
C THR B 201 -3.84 17.84 3.74
N TYR B 202 -4.46 17.31 4.79
CA TYR B 202 -4.42 17.92 6.12
C TYR B 202 -3.67 17.01 7.08
N ILE B 203 -2.64 17.56 7.71
CA ILE B 203 -1.89 16.88 8.75
C ILE B 203 -2.57 17.21 10.08
N LEU B 204 -2.72 16.23 10.97
CA LEU B 204 -3.47 16.46 12.18
C LEU B 204 -2.95 15.67 13.39
N ALA B 205 -3.25 16.22 14.56
CA ALA B 205 -3.08 15.53 15.82
C ALA B 205 -4.20 15.90 16.76
N THR B 206 -4.82 14.88 17.32
CA THR B 206 -5.79 14.99 18.38
C THR B 206 -5.19 14.39 19.64
N ASN B 207 -5.30 15.09 20.76
CA ASN B 207 -4.77 14.60 22.02
C ASN B 207 -5.78 14.96 23.09
N ILE B 208 -6.17 13.97 23.90
CA ILE B 208 -7.11 14.21 24.97
CA ILE B 208 -7.16 14.18 24.95
C ILE B 208 -6.66 13.51 26.22
N LYS B 209 -7.09 14.05 27.35
CA LYS B 209 -6.97 13.37 28.62
C LYS B 209 -8.12 12.38 28.61
N GLY B 210 -7.80 11.16 28.20
CA GLY B 210 -8.78 10.15 27.87
C GLY B 210 -8.10 9.04 27.09
N THR B 211 -8.84 8.41 26.21
CA THR B 211 -8.34 7.24 25.47
C THR B 211 -8.11 7.52 23.99
N GLY B 212 -7.35 6.64 23.36
CA GLY B 212 -7.12 6.71 21.93
C GLY B 212 -8.39 6.54 21.13
N ILE B 213 -9.28 5.65 21.59
CA ILE B 213 -10.58 5.48 20.96
C ILE B 213 -11.33 6.80 20.96
N GLU B 214 -11.33 7.52 22.08
CA GLU B 214 -11.98 8.82 22.14
C GLU B 214 -11.33 9.80 21.18
N ALA B 215 -10.00 9.82 21.14
CA ALA B 215 -9.30 10.73 20.25
C ALA B 215 -9.60 10.44 18.79
N LYS B 216 -9.65 9.18 18.42
CA LYS B 216 -9.97 8.80 17.05
CA LYS B 216 -9.96 8.79 17.06
C LYS B 216 -11.40 9.20 16.71
N ASP B 217 -12.33 8.95 17.62
CA ASP B 217 -13.73 9.29 17.41
CA ASP B 217 -13.73 9.29 17.39
C ASP B 217 -13.90 10.79 17.21
N ILE B 218 -13.24 11.60 18.05
CA ILE B 218 -13.30 13.05 17.91
C ILE B 218 -12.75 13.44 16.54
N THR B 219 -11.63 12.84 16.13
CA THR B 219 -11.03 13.16 14.86
C THR B 219 -12.02 12.90 13.72
N TYR B 220 -12.63 11.73 13.73
CA TYR B 220 -13.58 11.38 12.67
C TYR B 220 -14.75 12.37 12.64
N ARG B 221 -15.25 12.75 13.82
CA ARG B 221 -16.37 13.69 13.86
CA ARG B 221 -16.37 13.69 13.88
C ARG B 221 -15.98 15.05 13.30
N ILE B 222 -14.77 15.51 13.60
CA ILE B 222 -14.30 16.79 13.07
C ILE B 222 -14.15 16.71 11.54
N LEU B 223 -13.51 15.65 11.04
CA LEU B 223 -13.31 15.53 9.61
C LEU B 223 -14.63 15.42 8.86
N LYS B 224 -15.61 14.74 9.46
CA LYS B 224 -16.93 14.62 8.87
C LYS B 224 -17.65 15.97 8.87
N LYS B 225 -17.54 16.72 9.97
CA LYS B 225 -18.17 18.04 10.05
C LYS B 225 -17.76 18.89 8.87
N TYR B 226 -16.49 18.81 8.52
CA TYR B 226 -15.92 19.64 7.46
C TYR B 226 -15.81 18.95 6.10
N HIS B 227 -16.48 17.81 5.95
CA HIS B 227 -16.64 17.12 4.67
C HIS B 227 -15.34 16.59 4.07
N LEU B 228 -14.35 16.38 4.91
CA LEU B 228 -13.13 15.69 4.48
C LEU B 228 -13.32 14.19 4.51
N MET B 229 -14.24 13.71 5.33
CA MET B 229 -14.67 12.31 5.32
C MET B 229 -16.18 12.30 5.12
N GLU B 230 -16.67 11.23 4.49
CA GLU B 230 -18.10 11.06 4.25
C GLU B 230 -18.89 10.97 5.56
N ALA B 231 -20.12 11.50 5.54
CA ALA B 231 -20.95 11.56 6.74
C ALA B 231 -21.38 10.18 7.23
N SER B 232 -22.06 10.17 8.38
CA SER B 232 -22.50 8.95 9.05
C SER B 232 -21.30 8.09 9.46
#